data_1EAZ
#
_entry.id   1EAZ
#
_cell.length_a   65.017
_cell.length_b   102.796
_cell.length_c   41.471
_cell.angle_alpha   90.00
_cell.angle_beta   90.00
_cell.angle_gamma   90.00
#
_symmetry.space_group_name_H-M   'C 2 2 21'
#
loop_
_entity.id
_entity.type
_entity.pdbx_description
1 polymer 'TANDEM PH DOMAIN CONTAINING PROTEIN-1'
2 non-polymer 'CITRIC ACID'
3 water water
#
_entity_poly.entity_id   1
_entity_poly.type   'polypeptide(L)'
_entity_poly.pdbx_seq_one_letter_code
;GSMFTPKPPQDSAVIKAGYCVKQGAVMKNWKRRYFQLDENTIGYFKSELEKEPLRVIPLKEVHKVQECKQSDIMMRDNLF
EIVTTSRTFYVQADSPEEMHSWIKAVSGAIVAQRGPGRSASSEHP
;
_entity_poly.pdbx_strand_id   A
#
loop_
_chem_comp.id
_chem_comp.type
_chem_comp.name
_chem_comp.formula
CIT non-polymer 'CITRIC ACID' 'C6 H8 O7'
#
# COMPACT_ATOMS: atom_id res chain seq x y z
N SER A 12 -14.70 -10.30 -6.59
CA SER A 12 -14.24 -9.31 -5.62
C SER A 12 -13.41 -9.98 -4.53
N ALA A 13 -12.86 -11.16 -4.86
CA ALA A 13 -11.98 -11.76 -3.86
C ALA A 13 -10.65 -11.02 -3.80
N VAL A 14 -9.92 -11.44 -2.76
CA VAL A 14 -8.62 -10.81 -2.50
C VAL A 14 -7.59 -11.22 -3.54
N ILE A 15 -6.87 -10.23 -4.05
CA ILE A 15 -5.79 -10.49 -5.00
C ILE A 15 -4.46 -10.69 -4.26
N LYS A 16 -4.23 -9.85 -3.26
CA LYS A 16 -2.99 -9.90 -2.48
C LYS A 16 -3.26 -9.33 -1.08
N ALA A 17 -2.67 -9.98 -0.10
CA ALA A 17 -2.77 -9.50 1.28
C ALA A 17 -1.50 -9.82 2.03
N GLY A 18 -1.20 -8.94 2.99
CA GLY A 18 0.02 -9.17 3.80
C GLY A 18 0.33 -7.94 4.62
N TYR A 19 1.24 -8.11 5.56
CA TYR A 19 1.67 -7.00 6.38
C TYR A 19 2.73 -6.15 5.65
N CYS A 20 2.62 -4.83 5.82
CA CYS A 20 3.63 -3.88 5.38
C CYS A 20 3.74 -2.84 6.50
N VAL A 21 4.77 -2.04 6.51
CA VAL A 21 4.91 -1.01 7.55
C VAL A 21 4.75 0.35 6.88
N LYS A 22 3.77 1.12 7.34
CA LYS A 22 3.39 2.36 6.64
C LYS A 22 3.58 3.55 7.55
N GLN A 23 3.79 4.69 6.93
CA GLN A 23 4.01 5.93 7.68
C GLN A 23 2.68 6.53 8.14
N GLY A 24 2.67 6.92 9.40
CA GLY A 24 1.44 7.47 10.01
C GLY A 24 1.38 8.96 9.86
N ALA A 25 0.19 9.50 9.88
CA ALA A 25 0.08 10.95 9.68
C ALA A 25 0.35 11.75 10.97
N VAL A 26 0.05 11.22 12.14
CA VAL A 26 0.03 12.08 13.34
C VAL A 26 1.42 12.64 13.65
N MET A 27 2.41 11.79 13.67
CA MET A 27 3.77 12.16 14.03
C MET A 27 4.77 11.54 13.04
N LYS A 28 4.31 10.92 11.96
CA LYS A 28 5.13 10.31 10.92
C LYS A 28 5.97 9.14 11.41
N ASN A 29 5.41 8.41 12.40
CA ASN A 29 6.00 7.12 12.79
C ASN A 29 5.55 6.03 11.83
N TRP A 30 6.17 4.86 11.97
CA TRP A 30 5.96 3.76 11.04
C TRP A 30 5.29 2.63 11.80
N LYS A 31 4.25 2.07 11.21
CA LYS A 31 3.52 1.02 11.89
C LYS A 31 3.16 -0.14 11.00
N ARG A 32 3.29 -1.33 11.58
CA ARG A 32 2.89 -2.52 10.81
C ARG A 32 1.39 -2.63 10.70
N ARG A 33 0.89 -2.71 9.47
CA ARG A 33 -0.53 -2.82 9.21
C ARG A 33 -0.75 -3.93 8.19
N TYR A 34 -1.97 -4.50 8.18
CA TYR A 34 -2.30 -5.58 7.26
C TYR A 34 -2.97 -5.01 6.03
N PHE A 35 -2.34 -5.16 4.90
CA PHE A 35 -2.86 -4.62 3.63
C PHE A 35 -3.62 -5.70 2.86
N GLN A 36 -4.67 -5.26 2.15
CA GLN A 36 -5.52 -6.14 1.36
C GLN A 36 -5.92 -5.46 0.06
N LEU A 37 -5.61 -6.09 -1.06
CA LEU A 37 -5.96 -5.58 -2.37
C LEU A 37 -7.02 -6.46 -2.97
N ASP A 38 -8.09 -5.86 -3.47
CA ASP A 38 -9.04 -6.61 -4.29
C ASP A 38 -9.22 -5.87 -5.63
N GLU A 39 -10.24 -6.27 -6.39
CA GLU A 39 -10.27 -5.70 -7.75
C GLU A 39 -10.59 -4.20 -7.75
N ASN A 40 -11.11 -3.65 -6.66
CA ASN A 40 -11.54 -2.25 -6.68
C ASN A 40 -10.87 -1.34 -5.67
N THR A 41 -10.22 -1.93 -4.65
CA THR A 41 -9.70 -1.17 -3.54
C THR A 41 -8.40 -1.79 -3.00
N ILE A 42 -7.59 -0.91 -2.36
CA ILE A 42 -6.58 -1.39 -1.46
C ILE A 42 -6.86 -0.74 -0.11
N GLY A 43 -6.91 -1.58 0.92
CA GLY A 43 -7.19 -1.05 2.27
C GLY A 43 -6.18 -1.64 3.24
N TYR A 44 -6.14 -1.04 4.42
CA TYR A 44 -5.32 -1.63 5.46
C TYR A 44 -6.09 -1.67 6.77
N PHE A 45 -5.66 -2.64 7.57
CA PHE A 45 -6.29 -3.02 8.81
C PHE A 45 -5.28 -3.02 9.94
N LYS A 46 -5.76 -2.88 11.17
CA LYS A 46 -4.83 -2.94 12.31
C LYS A 46 -4.01 -4.24 12.33
N SER A 47 -4.65 -5.36 11.98
CA SER A 47 -4.04 -6.69 11.90
C SER A 47 -4.88 -7.56 10.99
N GLU A 48 -4.40 -8.77 10.76
CA GLU A 48 -5.11 -9.72 9.92
C GLU A 48 -6.43 -10.17 10.54
N LEU A 49 -6.63 -9.95 11.84
CA LEU A 49 -7.84 -10.44 12.49
C LEU A 49 -9.01 -9.48 12.36
N GLU A 50 -8.69 -8.20 12.18
CA GLU A 50 -9.76 -7.19 12.24
C GLU A 50 -10.76 -7.32 11.10
N LYS A 51 -12.02 -7.09 11.46
CA LYS A 51 -13.04 -7.21 10.42
C LYS A 51 -13.16 -5.92 9.64
N GLU A 52 -12.93 -4.79 10.27
CA GLU A 52 -13.13 -3.50 9.61
C GLU A 52 -11.80 -2.84 9.31
N PRO A 53 -11.62 -2.30 8.12
CA PRO A 53 -10.35 -1.62 7.82
C PRO A 53 -10.21 -0.26 8.50
N LEU A 54 -8.97 0.19 8.63
CA LEU A 54 -8.67 1.55 9.10
C LEU A 54 -8.89 2.52 7.98
N ARG A 55 -8.54 2.13 6.76
CA ARG A 55 -8.72 3.01 5.59
C ARG A 55 -8.91 2.16 4.34
N VAL A 56 -9.77 2.62 3.45
CA VAL A 56 -9.91 2.02 2.12
C VAL A 56 -9.55 3.05 1.08
N ILE A 57 -8.71 2.65 0.15
CA ILE A 57 -8.32 3.52 -0.94
C ILE A 57 -8.89 2.95 -2.22
N PRO A 58 -9.84 3.59 -2.84
CA PRO A 58 -10.33 3.10 -4.13
C PRO A 58 -9.23 3.18 -5.18
N LEU A 59 -9.04 2.12 -5.97
CA LEU A 59 -7.98 2.11 -6.97
C LEU A 59 -8.20 3.20 -7.99
N LYS A 60 -9.46 3.60 -8.25
CA LYS A 60 -9.72 4.66 -9.22
C LYS A 60 -9.15 6.00 -8.77
N GLU A 61 -8.82 6.12 -7.48
CA GLU A 61 -8.25 7.34 -6.94
C GLU A 61 -6.74 7.26 -6.87
N VAL A 62 -6.17 6.13 -7.33
CA VAL A 62 -4.71 5.97 -7.32
C VAL A 62 -4.10 6.51 -8.64
N HIS A 63 -3.31 7.56 -8.51
CA HIS A 63 -2.69 8.19 -9.66
C HIS A 63 -1.40 7.48 -10.01
N LYS A 64 -0.64 6.97 -9.04
CA LYS A 64 0.58 6.21 -9.26
C LYS A 64 0.78 5.19 -8.15
N VAL A 65 1.37 4.05 -8.48
CA VAL A 65 1.92 3.12 -7.50
C VAL A 65 3.30 2.74 -7.99
N GLN A 66 4.31 2.97 -7.14
CA GLN A 66 5.67 2.89 -7.66
C GLN A 66 6.66 2.85 -6.51
N GLU A 67 7.89 2.44 -6.79
CA GLU A 67 8.97 2.57 -5.84
C GLU A 67 9.12 4.02 -5.39
N CYS A 68 9.38 4.22 -4.09
CA CYS A 68 9.45 5.59 -3.60
C CYS A 68 10.86 6.14 -3.79
N LYS A 69 11.01 7.18 -4.61
CA LYS A 69 12.36 7.69 -4.87
C LYS A 69 12.96 8.43 -3.67
N GLN A 70 12.19 8.61 -2.60
CA GLN A 70 12.64 9.28 -1.38
C GLN A 70 13.00 8.25 -0.32
N SER A 71 13.09 6.98 -0.71
CA SER A 71 13.41 5.86 0.16
C SER A 71 14.72 6.13 0.89
N ASP A 72 15.71 6.68 0.19
CA ASP A 72 16.96 6.94 0.92
C ASP A 72 16.82 7.96 2.02
N ILE A 73 16.25 9.13 1.73
CA ILE A 73 16.03 10.14 2.74
C ILE A 73 15.10 9.69 3.87
N MET A 74 14.10 8.83 3.60
CA MET A 74 13.18 8.41 4.66
C MET A 74 13.72 7.24 5.47
N MET A 75 14.90 6.84 5.00
CA MET A 75 15.66 5.80 5.66
C MET A 75 14.91 4.49 5.74
N ARG A 76 14.25 4.12 4.65
CA ARG A 76 13.43 2.89 4.67
C ARG A 76 13.69 2.11 3.39
N ASP A 77 14.26 0.92 3.52
CA ASP A 77 14.43 0.05 2.37
C ASP A 77 13.11 -0.57 1.92
N ASN A 78 12.99 -0.94 0.66
CA ASN A 78 11.84 -1.68 0.14
C ASN A 78 10.54 -0.90 0.25
N LEU A 79 10.66 0.39 0.03
CA LEU A 79 9.58 1.33 0.21
C LEU A 79 8.89 1.66 -1.12
N PHE A 80 7.57 1.44 -1.19
CA PHE A 80 6.80 1.95 -2.36
C PHE A 80 5.83 3.01 -1.86
N GLU A 81 5.21 3.66 -2.87
CA GLU A 81 4.22 4.69 -2.52
C GLU A 81 2.97 4.51 -3.35
N ILE A 82 1.87 4.97 -2.77
CA ILE A 82 0.56 5.00 -3.44
C ILE A 82 0.13 6.46 -3.45
N VAL A 83 0.06 7.04 -4.66
CA VAL A 83 -0.21 8.49 -4.75
C VAL A 83 -1.67 8.72 -5.01
N THR A 84 -2.35 9.45 -4.12
CA THR A 84 -3.71 9.92 -4.38
C THR A 84 -3.70 11.45 -4.31
N THR A 85 -4.78 12.12 -4.73
CA THR A 85 -4.73 13.59 -4.68
C THR A 85 -4.50 14.11 -3.25
N SER A 86 -5.21 13.58 -2.27
CA SER A 86 -5.13 14.15 -0.94
C SER A 86 -3.93 13.66 -0.13
N ARG A 87 -3.37 12.53 -0.51
CA ARG A 87 -2.34 11.92 0.31
C ARG A 87 -1.49 10.92 -0.48
N THR A 88 -0.19 10.96 -0.22
CA THR A 88 0.68 9.87 -0.69
C THR A 88 0.94 8.94 0.48
N PHE A 89 0.67 7.67 0.31
CA PHE A 89 0.93 6.67 1.33
C PHE A 89 2.30 6.04 1.11
N TYR A 90 3.05 5.87 2.20
CA TYR A 90 4.42 5.34 2.10
C TYR A 90 4.39 3.96 2.75
N VAL A 91 4.68 2.93 1.99
CA VAL A 91 4.42 1.55 2.40
C VAL A 91 5.71 0.73 2.23
N GLN A 92 6.22 0.21 3.34
CA GLN A 92 7.45 -0.58 3.32
C GLN A 92 7.12 -2.07 3.33
N ALA A 93 7.50 -2.76 2.26
CA ALA A 93 7.35 -4.22 2.21
C ALA A 93 8.47 -4.91 3.00
N ASP A 94 8.32 -6.23 3.17
CA ASP A 94 9.23 -6.95 4.05
C ASP A 94 10.52 -7.41 3.35
N SER A 95 10.64 -7.09 2.07
CA SER A 95 11.73 -7.55 1.23
C SER A 95 11.65 -6.84 -0.11
N PRO A 96 12.73 -6.82 -0.86
CA PRO A 96 12.62 -6.28 -2.21
C PRO A 96 11.60 -7.08 -3.01
N GLU A 97 11.59 -8.40 -2.81
CA GLU A 97 10.65 -9.23 -3.60
C GLU A 97 9.21 -8.82 -3.34
N GLU A 98 8.88 -8.60 -2.05
CA GLU A 98 7.50 -8.21 -1.76
C GLU A 98 7.20 -6.80 -2.19
N MET A 99 8.20 -5.89 -2.19
CA MET A 99 7.91 -4.55 -2.72
C MET A 99 7.49 -4.65 -4.18
N HIS A 100 8.27 -5.38 -4.99
CA HIS A 100 7.91 -5.55 -6.41
C HIS A 100 6.57 -6.26 -6.55
N SER A 101 6.30 -7.26 -5.70
CA SER A 101 5.03 -8.00 -5.81
C SER A 101 3.84 -7.06 -5.58
N TRP A 102 3.95 -6.20 -4.55
CA TRP A 102 2.87 -5.28 -4.26
C TRP A 102 2.68 -4.29 -5.40
N ILE A 103 3.78 -3.70 -5.87
CA ILE A 103 3.63 -2.72 -6.97
C ILE A 103 3.01 -3.39 -8.19
N LYS A 104 3.47 -4.60 -8.51
CA LYS A 104 2.93 -5.25 -9.70
C LYS A 104 1.46 -5.62 -9.53
N ALA A 105 1.07 -6.09 -8.35
CA ALA A 105 -0.31 -6.47 -8.13
C ALA A 105 -1.24 -5.27 -8.17
N VAL A 106 -0.86 -4.18 -7.50
CA VAL A 106 -1.76 -3.00 -7.53
C VAL A 106 -1.85 -2.43 -8.94
N SER A 107 -0.71 -2.34 -9.61
CA SER A 107 -0.73 -1.81 -10.97
C SER A 107 -1.54 -2.70 -11.89
N GLY A 108 -1.48 -4.03 -11.74
CA GLY A 108 -2.29 -4.87 -12.62
C GLY A 108 -3.77 -4.70 -12.35
N ALA A 109 -4.12 -4.52 -11.07
CA ALA A 109 -5.54 -4.31 -10.80
C ALA A 109 -6.04 -3.00 -11.40
N ILE A 110 -5.23 -1.96 -11.39
CA ILE A 110 -5.62 -0.69 -12.00
C ILE A 110 -5.77 -0.87 -13.49
N VAL A 111 -4.82 -1.58 -14.12
CA VAL A 111 -4.95 -1.85 -15.55
C VAL A 111 -6.28 -2.56 -15.85
N ALA A 112 -6.58 -3.56 -15.03
CA ALA A 112 -7.82 -4.30 -15.31
C ALA A 112 -9.04 -3.38 -15.24
N GLN A 113 -8.97 -2.25 -14.53
CA GLN A 113 -10.09 -1.34 -14.49
C GLN A 113 -10.25 -0.52 -15.77
N ARG A 114 -9.25 -0.54 -16.64
CA ARG A 114 -9.31 0.36 -17.80
C ARG A 114 -10.43 0.01 -18.77
N GLY A 115 -10.86 0.97 -19.45
C1 CIT B . -2.71 3.34 11.23
O1 CIT B . -2.81 2.30 10.56
O2 CIT B . -2.90 3.39 12.49
C2 CIT B . -2.40 4.59 10.43
C3 CIT B . -3.46 5.70 10.27
O7 CIT B . -4.32 5.71 11.43
C4 CIT B . -4.29 5.40 9.01
C5 CIT B . -5.67 6.00 8.84
O3 CIT B . -5.85 6.78 7.86
O4 CIT B . -6.58 5.69 9.66
C6 CIT B . -2.76 7.07 10.15
O5 CIT B . -2.99 7.86 11.10
O6 CIT B . -2.03 7.31 9.14
#